data_5NSP
#
_entry.id   5NSP
#
_cell.length_a   90.060
_cell.length_b   98.140
_cell.length_c   119.510
_cell.angle_alpha   90.00
_cell.angle_beta   90.00
_cell.angle_gamma   90.00
#
_symmetry.space_group_name_H-M   'C 2 2 21'
#
loop_
_entity.id
_entity.type
_entity.pdbx_description
1 polymer Tankyrase-2
2 polymer Tankyrase-2
3 non-polymer 'ZINC ION'
4 non-polymer 'SULFATE ION'
5 non-polymer 'BICARBONATE ION'
6 non-polymer GLYCEROL
7 non-polymer 1-[4-[4-(2-chlorophenyl)-5-pyrimidin-4-yl-1,2,4-triazol-3-yl]phenyl]-2-oxidanylidene-3~{H}-benzimidazole-5-carbonitrile
8 water water
#
loop_
_entity_poly.entity_id
_entity_poly.type
_entity_poly.pdbx_seq_one_letter_code
_entity_poly.pdbx_strand_id
1 'polypeptide(L)'
;MHHHHHHSSGVDLGTENLYFQSMLNTSGSGTILIDLSPDDKEFQSVEEEMQSTVREHRDGGHAGGIFNRYNILKIQKVCN
KKLWERYTHRRKEVSEENHNHANERMLFHGSPFVNAIIHKGFDERHAYIGGMFGAGIYFAENSSKSNQYVYGIGGGTGCP
VHKDRSCYICHRQLLFCRVTLGKSFLQFSAM
;
A,B
2 'polypeptide(L)' KMAHSPPGHHSVTGRPSVNGLALAEYVIYRGEQAYPEYLITYQIMRPEG C,D
#
loop_
_chem_comp.id
_chem_comp.type
_chem_comp.name
_chem_comp.formula
97E non-polymer 1-[4-[4-(2-chlorophenyl)-5-pyrimidin-4-yl-1,2,4-triazol-3-yl]phenyl]-2-oxidanylidene-3~{H}-benzimidazole-5-carbonitrile 'C26 H15 Cl N8 O'
BCT non-polymer 'BICARBONATE ION' 'C H O3 -1'
GOL non-polymer GLYCEROL 'C3 H8 O3'
SO4 non-polymer 'SULFATE ION' 'O4 S -2'
ZN non-polymer 'ZINC ION' 'Zn 2'
#
# COMPACT_ATOMS: atom_id res chain seq x y z
N GLY A 30 -10.52 6.21 -36.26
CA GLY A 30 -9.77 7.50 -36.18
C GLY A 30 -8.29 7.34 -35.82
N THR A 31 -7.92 6.30 -35.10
CA THR A 31 -6.52 6.27 -34.60
C THR A 31 -5.50 5.74 -35.59
N ILE A 32 -4.36 6.41 -35.64
CA ILE A 32 -3.24 6.07 -36.48
C ILE A 32 -1.99 6.00 -35.58
N LEU A 33 -1.12 5.00 -35.79
CA LEU A 33 0.15 4.84 -35.08
C LEU A 33 1.31 5.16 -36.00
N ILE A 34 2.06 6.19 -35.66
CA ILE A 34 3.18 6.58 -36.49
C ILE A 34 4.44 6.19 -35.75
N ASP A 35 5.23 5.29 -36.32
CA ASP A 35 6.59 4.98 -35.79
C ASP A 35 7.59 6.08 -35.70
N LEU A 36 8.31 6.12 -34.58
CA LEU A 36 9.43 7.01 -34.45
C LEU A 36 10.71 6.28 -34.66
N SER A 37 11.56 6.91 -35.46
CA SER A 37 12.88 6.42 -35.68
C SER A 37 13.66 6.53 -34.35
N PRO A 38 14.49 5.51 -34.01
CA PRO A 38 15.49 5.65 -32.94
C PRO A 38 16.43 6.84 -33.07
N ASP A 39 16.57 7.39 -34.26
CA ASP A 39 17.40 8.57 -34.46
C ASP A 39 16.68 9.84 -34.11
N ASP A 40 15.36 9.80 -33.99
CA ASP A 40 14.57 11.00 -33.71
C ASP A 40 14.81 11.39 -32.24
N LYS A 41 15.04 12.67 -31.99
CA LYS A 41 15.31 13.16 -30.61
C LYS A 41 14.11 12.96 -29.64
N GLU A 42 12.93 12.92 -30.23
CA GLU A 42 11.70 12.58 -29.60
C GLU A 42 11.61 11.10 -29.17
N PHE A 43 12.18 10.20 -29.98
CA PHE A 43 12.33 8.79 -29.55
C PHE A 43 13.24 8.80 -28.36
N GLN A 44 14.30 9.58 -28.42
CA GLN A 44 15.34 9.53 -27.42
C GLN A 44 14.86 10.04 -26.07
N SER A 45 14.10 11.14 -26.09
CA SER A 45 13.72 11.75 -24.86
C SER A 45 12.63 10.90 -24.16
N VAL A 46 11.75 10.27 -24.94
CA VAL A 46 10.79 9.32 -24.37
C VAL A 46 11.51 8.10 -23.74
N GLU A 47 12.40 7.46 -24.49
CA GLU A 47 13.18 6.33 -23.94
C GLU A 47 13.94 6.74 -22.68
N GLU A 48 14.56 7.92 -22.68
CA GLU A 48 15.28 8.38 -21.47
C GLU A 48 14.32 8.49 -20.22
N GLU A 49 13.09 8.93 -20.45
CA GLU A 49 12.11 8.94 -19.41
C GLU A 49 11.61 7.51 -18.96
N MET A 50 11.40 6.55 -19.87
CA MET A 50 11.19 5.16 -19.42
C MET A 50 12.34 4.67 -18.49
N GLN A 51 13.57 4.80 -19.01
CA GLN A 51 14.73 4.08 -18.49
C GLN A 51 15.12 4.66 -17.14
N SER A 52 15.07 6.00 -17.04
CA SER A 52 15.59 6.73 -15.91
C SER A 52 14.59 6.79 -14.76
N THR A 53 13.34 6.38 -14.99
CA THR A 53 12.36 6.28 -13.93
C THR A 53 12.07 4.84 -13.46
N VAL A 54 12.93 3.89 -13.75
CA VAL A 54 12.84 2.53 -13.16
C VAL A 54 13.34 2.63 -11.73
N ARG A 55 12.68 2.01 -10.80
CA ARG A 55 13.16 1.92 -9.42
C ARG A 55 12.95 0.50 -9.02
N GLU A 56 13.57 0.14 -7.92
CA GLU A 56 13.22 -1.11 -7.20
C GLU A 56 11.87 -1.01 -6.45
N HIS A 57 11.14 -2.10 -6.41
CA HIS A 57 9.81 -2.10 -5.80
C HIS A 57 9.78 -2.97 -4.56
N ARG A 58 8.82 -2.71 -3.69
CA ARG A 58 8.85 -3.31 -2.37
C ARG A 58 8.39 -4.75 -2.45
N ASP A 59 7.76 -5.14 -3.58
CA ASP A 59 7.44 -6.53 -3.79
C ASP A 59 8.61 -7.46 -4.25
N GLY A 60 9.83 -6.93 -4.36
CA GLY A 60 10.98 -7.65 -4.85
C GLY A 60 10.85 -8.07 -6.32
N GLY A 61 9.81 -7.59 -7.01
CA GLY A 61 9.57 -7.98 -8.40
C GLY A 61 8.39 -8.87 -8.65
N HIS A 62 7.62 -9.22 -7.64
CA HIS A 62 6.55 -10.20 -7.79
C HIS A 62 5.59 -9.80 -8.90
N ALA A 63 5.18 -8.52 -8.89
CA ALA A 63 4.13 -8.03 -9.80
C ALA A 63 4.65 -7.77 -11.18
N GLY A 64 5.78 -7.07 -11.29
CA GLY A 64 6.24 -6.53 -12.57
C GLY A 64 7.53 -7.11 -13.09
N GLY A 65 8.17 -8.02 -12.34
CA GLY A 65 9.44 -8.64 -12.72
C GLY A 65 10.67 -7.97 -12.14
N ILE A 66 11.80 -8.68 -12.31
CA ILE A 66 13.07 -8.33 -11.74
C ILE A 66 13.86 -7.77 -12.91
N PHE A 67 14.16 -6.45 -12.86
CA PHE A 67 14.89 -5.74 -13.88
C PHE A 67 15.36 -4.40 -13.39
N ASN A 68 16.38 -3.85 -14.03
CA ASN A 68 16.85 -2.49 -13.79
C ASN A 68 16.69 -1.60 -14.99
N ARG A 69 16.42 -2.20 -16.17
CA ARG A 69 16.23 -1.43 -17.40
C ARG A 69 15.46 -2.22 -18.43
N TYR A 70 15.11 -1.57 -19.53
CA TYR A 70 14.27 -2.14 -20.55
C TYR A 70 15.05 -2.18 -21.83
N ASN A 71 14.64 -3.12 -22.69
CA ASN A 71 14.93 -3.16 -24.11
C ASN A 71 13.73 -2.53 -24.83
N ILE A 72 13.92 -1.35 -25.38
CA ILE A 72 12.81 -0.63 -26.04
C ILE A 72 12.74 -1.09 -27.48
N LEU A 73 11.62 -1.69 -27.88
CA LEU A 73 11.51 -2.30 -29.18
C LEU A 73 10.96 -1.35 -30.22
N LYS A 74 9.95 -0.56 -29.83
CA LYS A 74 9.32 0.41 -30.70
C LYS A 74 8.67 1.57 -29.89
N ILE A 75 8.63 2.77 -30.48
CA ILE A 75 7.83 3.85 -29.89
C ILE A 75 6.96 4.49 -30.97
N GLN A 76 5.66 4.50 -30.77
CA GLN A 76 4.73 5.04 -31.75
C GLN A 76 3.96 6.26 -31.18
N LYS A 77 3.82 7.29 -32.00
CA LYS A 77 3.07 8.46 -31.69
C LYS A 77 1.63 8.05 -32.03
N VAL A 78 0.70 8.34 -31.14
CA VAL A 78 -0.72 7.97 -31.27
C VAL A 78 -1.43 9.21 -31.73
N CYS A 79 -2.11 9.11 -32.87
CA CYS A 79 -2.69 10.24 -33.59
C CYS A 79 -4.17 9.96 -33.77
N ASN A 80 -5.01 10.61 -32.98
CA ASN A 80 -6.45 10.61 -33.16
C ASN A 80 -6.98 12.04 -32.88
N LYS A 81 -7.33 12.72 -33.95
CA LYS A 81 -7.92 14.08 -33.97
C LYS A 81 -9.08 14.29 -32.98
N LYS A 82 -10.09 13.43 -33.06
CA LYS A 82 -11.25 13.55 -32.18
C LYS A 82 -10.93 13.34 -30.70
N LEU A 83 -10.04 12.39 -30.37
CA LEU A 83 -9.62 12.18 -28.96
C LEU A 83 -8.76 13.35 -28.47
N TRP A 84 -7.89 13.85 -29.35
CA TRP A 84 -7.08 14.97 -29.03
C TRP A 84 -7.94 16.23 -28.68
N GLU A 85 -9.00 16.46 -29.43
CA GLU A 85 -9.90 17.58 -29.21
C GLU A 85 -10.70 17.43 -27.96
N ARG A 86 -11.07 16.20 -27.66
CA ARG A 86 -11.75 15.90 -26.40
C ARG A 86 -10.79 16.28 -25.25
N TYR A 87 -9.52 15.91 -25.38
CA TYR A 87 -8.53 16.27 -24.38
C TYR A 87 -8.33 17.78 -24.24
N THR A 88 -8.13 18.50 -25.34
CA THR A 88 -7.85 19.95 -25.28
C THR A 88 -9.06 20.71 -24.79
N HIS A 89 -10.27 20.20 -25.05
CA HIS A 89 -11.49 20.86 -24.60
C HIS A 89 -11.58 20.82 -23.07
N ARG A 90 -11.37 19.64 -22.50
CA ARG A 90 -11.37 19.49 -21.04
C ARG A 90 -10.23 20.28 -20.41
N ARG A 91 -9.08 20.27 -21.06
CA ARG A 91 -7.92 21.00 -20.63
C ARG A 91 -8.20 22.47 -20.50
N LYS A 92 -8.85 23.07 -21.50
CA LYS A 92 -9.27 24.46 -21.40
C LYS A 92 -10.23 24.70 -20.25
N GLU A 93 -11.18 23.80 -19.99
CA GLU A 93 -12.08 23.98 -18.82
C GLU A 93 -11.31 24.04 -17.51
N VAL A 94 -10.42 23.06 -17.31
CA VAL A 94 -9.67 22.95 -16.09
C VAL A 94 -8.78 24.19 -15.89
N SER A 95 -8.07 24.51 -16.95
CA SER A 95 -7.21 25.67 -16.98
C SER A 95 -7.96 26.99 -16.54
N GLU A 96 -9.16 27.20 -17.08
CA GLU A 96 -9.97 28.37 -16.71
C GLU A 96 -10.55 28.30 -15.31
N GLU A 97 -10.66 27.10 -14.74
CA GLU A 97 -10.98 26.92 -13.32
C GLU A 97 -9.76 27.07 -12.38
N ASN A 98 -8.57 27.42 -12.91
CA ASN A 98 -7.30 27.25 -12.15
C ASN A 98 -6.28 28.28 -12.65
N HIS A 99 -6.70 29.55 -12.70
CA HIS A 99 -5.84 30.69 -13.11
C HIS A 99 -4.96 30.41 -14.31
N ASN A 100 -5.58 29.82 -15.33
CA ASN A 100 -4.95 29.50 -16.62
C ASN A 100 -3.77 28.56 -16.52
N HIS A 101 -3.90 27.60 -15.62
CA HIS A 101 -2.86 26.62 -15.35
C HIS A 101 -3.49 25.29 -15.41
N ALA A 102 -3.23 24.60 -16.49
CA ALA A 102 -3.67 23.21 -16.68
C ALA A 102 -2.99 22.21 -15.74
N ASN A 103 -1.75 22.47 -15.38
CA ASN A 103 -0.92 21.53 -14.61
C ASN A 103 -0.80 20.19 -15.35
N GLU A 104 -0.25 20.30 -16.55
CA GLU A 104 -0.15 19.20 -17.49
C GLU A 104 1.16 18.50 -17.25
N ARG A 105 1.08 17.20 -17.16
CA ARG A 105 2.25 16.35 -16.98
C ARG A 105 2.36 15.28 -18.07
N MET A 106 3.51 14.67 -18.17
CA MET A 106 3.71 13.46 -18.97
C MET A 106 3.94 12.27 -18.02
N LEU A 107 2.99 11.33 -17.97
CA LEU A 107 3.02 10.24 -17.03
C LEU A 107 2.78 8.92 -17.73
N PHE A 108 3.22 7.85 -17.08
CA PHE A 108 3.04 6.51 -17.58
C PHE A 108 1.73 5.90 -17.14
N HIS A 109 1.21 5.01 -17.99
CA HIS A 109 0.05 4.23 -17.67
C HIS A 109 0.26 2.82 -18.20
N GLY A 110 0.00 1.84 -17.33
CA GLY A 110 0.07 0.44 -17.67
C GLY A 110 -1.23 -0.28 -17.43
N SER A 111 -1.59 -1.17 -18.35
CA SER A 111 -2.92 -1.71 -18.37
C SER A 111 -2.94 -2.80 -19.43
N PRO A 112 -3.78 -3.82 -19.23
CA PRO A 112 -3.95 -4.77 -20.29
C PRO A 112 -4.90 -4.28 -21.36
N PHE A 113 -5.49 -3.09 -21.22
CA PHE A 113 -6.45 -2.58 -22.21
C PHE A 113 -5.88 -1.41 -23.03
N VAL A 114 -4.57 -1.37 -23.16
CA VAL A 114 -3.87 -0.38 -23.98
C VAL A 114 -4.51 -0.23 -25.35
N ASN A 115 -4.85 -1.33 -26.04
CA ASN A 115 -5.35 -1.22 -27.39
C ASN A 115 -6.73 -0.57 -27.46
N ALA A 116 -7.58 -0.81 -26.47
CA ALA A 116 -8.86 -0.10 -26.39
C ALA A 116 -8.69 1.37 -26.07
N ILE A 117 -7.70 1.68 -25.22
CA ILE A 117 -7.47 3.07 -24.80
C ILE A 117 -7.01 3.89 -26.00
N ILE A 118 -6.08 3.36 -26.81
CA ILE A 118 -5.60 4.14 -27.94
C ILE A 118 -6.62 4.30 -29.07
N HIS A 119 -7.67 3.47 -29.12
CA HIS A 119 -8.71 3.57 -30.17
C HIS A 119 -9.92 4.36 -29.69
N LYS A 120 -10.35 4.14 -28.45
CA LYS A 120 -11.58 4.72 -27.90
C LYS A 120 -11.36 5.74 -26.78
N GLY A 121 -10.12 5.93 -26.32
CA GLY A 121 -9.83 6.84 -25.22
C GLY A 121 -9.95 6.21 -23.85
N PHE A 122 -9.45 6.93 -22.85
CA PHE A 122 -9.71 6.60 -21.46
C PHE A 122 -11.16 6.88 -21.08
N ASP A 123 -11.84 5.92 -20.42
CA ASP A 123 -13.08 6.20 -19.65
C ASP A 123 -13.23 5.26 -18.42
N GLU A 124 -14.40 5.22 -17.76
CA GLU A 124 -14.61 4.37 -16.53
C GLU A 124 -14.34 2.84 -16.58
N ARG A 125 -14.20 2.25 -17.77
CA ARG A 125 -13.82 0.85 -17.87
C ARG A 125 -12.29 0.65 -17.84
N HIS A 126 -11.51 1.75 -17.66
CA HIS A 126 -10.03 1.70 -17.27
C HIS A 126 -9.72 2.36 -15.94
N ALA A 127 -10.81 2.58 -15.15
CA ALA A 127 -10.83 2.83 -13.71
C ALA A 127 -10.24 1.62 -12.94
N TYR A 128 -9.57 1.93 -11.84
CA TYR A 128 -9.08 0.94 -10.90
C TYR A 128 -9.93 1.14 -9.65
N ILE A 129 -11.00 0.34 -9.50
CA ILE A 129 -12.02 0.66 -8.46
C ILE A 129 -11.47 0.35 -7.04
N GLY A 130 -10.58 -0.65 -6.94
CA GLY A 130 -9.97 -0.99 -5.65
C GLY A 130 -8.72 -0.22 -5.26
N GLY A 131 -8.38 0.88 -5.94
CA GLY A 131 -7.11 1.56 -5.73
C GLY A 131 -6.96 2.37 -4.45
N MET A 132 -5.73 2.69 -4.13
CA MET A 132 -5.39 3.43 -2.93
C MET A 132 -6.11 4.76 -2.78
N PHE A 133 -6.50 5.38 -3.89
CA PHE A 133 -7.07 6.71 -3.89
C PHE A 133 -8.46 6.67 -4.50
N GLY A 134 -9.15 5.58 -4.24
CA GLY A 134 -10.45 5.34 -4.85
C GLY A 134 -10.44 5.04 -6.36
N ALA A 135 -11.64 5.02 -6.90
CA ALA A 135 -11.90 4.55 -8.23
C ALA A 135 -11.62 5.67 -9.18
N GLY A 136 -10.57 5.52 -9.96
CA GLY A 136 -10.32 6.44 -11.05
C GLY A 136 -9.21 5.89 -11.93
N ILE A 137 -8.67 6.73 -12.78
CA ILE A 137 -7.67 6.31 -13.73
C ILE A 137 -6.31 6.72 -13.17
N TYR A 138 -5.41 5.77 -13.06
CA TYR A 138 -4.11 5.92 -12.37
C TYR A 138 -2.98 6.08 -13.35
N PHE A 139 -2.05 6.94 -12.98
CA PHE A 139 -0.88 7.25 -13.77
C PHE A 139 0.33 7.28 -12.81
N ALA A 140 1.53 7.09 -13.33
CA ALA A 140 2.70 7.05 -12.51
C ALA A 140 3.86 7.79 -13.14
N GLU A 141 4.69 8.41 -12.31
CA GLU A 141 5.91 9.01 -12.76
C GLU A 141 6.92 7.92 -12.95
N ASN A 142 6.92 6.86 -12.13
CA ASN A 142 7.83 5.72 -12.35
C ASN A 142 7.33 4.77 -13.44
N SER A 143 8.17 4.55 -14.46
CA SER A 143 7.82 3.63 -15.54
C SER A 143 7.56 2.22 -14.96
N SER A 144 8.45 1.79 -14.06
CA SER A 144 8.40 0.48 -13.42
C SER A 144 7.13 0.26 -12.56
N LYS A 145 6.55 1.36 -12.07
CA LYS A 145 5.30 1.24 -11.35
C LYS A 145 4.18 0.90 -12.34
N SER A 146 4.10 1.63 -13.46
CA SER A 146 3.15 1.28 -14.50
C SER A 146 3.38 -0.12 -15.09
N ASN A 147 4.62 -0.56 -15.12
CA ASN A 147 4.93 -1.93 -15.57
C ASN A 147 4.27 -3.01 -14.69
N GLN A 148 4.08 -2.74 -13.40
CA GLN A 148 3.38 -3.73 -12.50
C GLN A 148 1.92 -4.01 -12.89
N TYR A 149 1.34 -3.12 -13.68
CA TYR A 149 -0.04 -3.18 -14.08
C TYR A 149 -0.24 -3.66 -15.53
N VAL A 150 0.85 -3.93 -16.25
CA VAL A 150 0.74 -4.31 -17.68
C VAL A 150 -0.10 -5.56 -17.89
N TYR A 151 0.10 -6.56 -17.03
CA TYR A 151 -0.65 -7.82 -17.14
C TYR A 151 -1.83 -7.94 -16.16
N GLY A 152 -2.23 -6.81 -15.58
CA GLY A 152 -3.35 -6.71 -14.66
C GLY A 152 -2.91 -6.24 -13.28
N ILE A 153 -3.91 -6.17 -12.39
CA ILE A 153 -3.69 -5.72 -11.02
C ILE A 153 -2.70 -6.70 -10.37
N GLY A 154 -1.62 -6.18 -9.76
CA GLY A 154 -0.64 -7.05 -9.15
C GLY A 154 0.06 -7.93 -10.19
N GLY A 155 0.02 -7.50 -11.45
CA GLY A 155 0.56 -8.29 -12.52
C GLY A 155 -0.29 -9.42 -13.02
N GLY A 156 -1.47 -9.65 -12.42
CA GLY A 156 -2.34 -10.75 -12.74
C GLY A 156 -1.64 -12.08 -12.74
N THR A 157 -1.85 -12.88 -13.79
CA THR A 157 -1.13 -14.18 -13.94
C THR A 157 0.16 -14.15 -14.80
N GLY A 158 0.70 -12.97 -15.09
CA GLY A 158 1.88 -12.83 -15.94
C GLY A 158 1.54 -12.74 -17.41
N CYS A 159 2.51 -13.00 -18.26
CA CYS A 159 2.28 -12.95 -19.70
C CYS A 159 1.31 -14.03 -20.12
N PRO A 160 0.47 -13.78 -21.15
CA PRO A 160 -0.47 -14.79 -21.67
C PRO A 160 0.20 -16.09 -22.15
N VAL A 161 1.38 -15.97 -22.73
CA VAL A 161 2.09 -17.11 -23.29
C VAL A 161 2.70 -18.01 -22.22
N HIS A 162 3.52 -17.44 -21.32
CA HIS A 162 4.26 -18.24 -20.30
C HIS A 162 3.70 -18.18 -18.86
N LYS A 163 2.66 -17.37 -18.62
CA LYS A 163 2.12 -17.16 -17.26
C LYS A 163 3.21 -16.71 -16.27
N ASP A 164 4.03 -15.75 -16.69
CA ASP A 164 5.22 -15.36 -15.93
C ASP A 164 5.26 -13.82 -15.83
N ARG A 165 4.99 -13.30 -14.62
CA ARG A 165 5.04 -11.85 -14.31
C ARG A 165 6.43 -11.24 -14.51
N SER A 166 7.47 -12.07 -14.44
CA SER A 166 8.81 -11.66 -14.83
C SER A 166 9.23 -12.11 -16.24
N CYS A 167 8.30 -12.35 -17.18
CA CYS A 167 8.76 -12.82 -18.51
C CYS A 167 9.75 -11.89 -19.15
N TYR A 168 10.86 -12.45 -19.56
CA TYR A 168 11.89 -11.68 -20.27
C TYR A 168 11.78 -11.71 -21.77
N ILE A 169 10.82 -12.48 -22.28
CA ILE A 169 10.67 -12.72 -23.74
C ILE A 169 9.51 -11.95 -24.29
N CYS A 170 8.37 -12.03 -23.62
CA CYS A 170 7.15 -11.40 -24.15
C CYS A 170 7.25 -9.85 -24.23
N HIS A 171 6.65 -9.32 -25.27
CA HIS A 171 6.61 -7.90 -25.54
C HIS A 171 5.56 -7.32 -24.67
N ARG A 172 5.89 -6.20 -24.00
CA ARG A 172 4.95 -5.44 -23.19
C ARG A 172 4.73 -4.08 -23.77
N GLN A 173 3.63 -3.47 -23.37
CA GLN A 173 3.26 -2.14 -23.80
C GLN A 173 2.79 -1.24 -22.65
N LEU A 174 3.38 -0.05 -22.59
CA LEU A 174 2.99 1.03 -21.70
C LEU A 174 2.55 2.21 -22.56
N LEU A 175 1.72 3.06 -22.01
CA LEU A 175 1.46 4.36 -22.60
C LEU A 175 2.20 5.43 -21.86
N PHE A 176 2.70 6.42 -22.60
CA PHE A 176 3.23 7.67 -22.05
C PHE A 176 2.22 8.74 -22.42
N CYS A 177 1.62 9.38 -21.43
CA CYS A 177 0.39 10.14 -21.61
C CYS A 177 0.49 11.56 -21.15
N ARG A 178 -0.23 12.44 -21.83
CA ARG A 178 -0.36 13.84 -21.45
C ARG A 178 -1.56 13.89 -20.52
N VAL A 179 -1.37 14.41 -19.31
CA VAL A 179 -2.38 14.34 -18.27
C VAL A 179 -2.57 15.70 -17.70
N THR A 180 -3.84 16.11 -17.61
CA THR A 180 -4.18 17.40 -17.04
C THR A 180 -4.51 17.16 -15.56
N LEU A 181 -3.69 17.70 -14.66
CA LEU A 181 -3.94 17.53 -13.23
C LEU A 181 -4.76 18.65 -12.62
N GLY A 182 -4.71 19.84 -13.24
CA GLY A 182 -5.28 21.06 -12.63
C GLY A 182 -4.93 21.21 -11.14
N LYS A 183 -5.93 21.53 -10.33
CA LYS A 183 -5.75 21.63 -8.91
C LYS A 183 -5.77 20.24 -8.29
N SER A 184 -4.63 19.81 -7.75
CA SER A 184 -4.47 18.40 -7.31
C SER A 184 -4.55 18.26 -5.79
N PHE A 185 -5.38 17.33 -5.35
CA PHE A 185 -5.53 16.99 -3.96
C PHE A 185 -4.34 16.15 -3.53
N LEU A 186 -3.60 16.67 -2.60
CA LEU A 186 -2.39 16.04 -2.15
C LEU A 186 -2.73 14.99 -1.05
N GLN A 187 -2.46 13.72 -1.30
CA GLN A 187 -2.63 12.65 -0.30
C GLN A 187 -1.25 12.07 0.06
N PHE A 188 -0.87 12.08 1.35
CA PHE A 188 0.38 11.47 1.85
C PHE A 188 0.15 9.97 2.09
N SER A 189 1.15 9.13 1.86
CA SER A 189 0.96 7.65 1.93
C SER A 189 1.96 6.88 2.83
N ALA A 190 2.29 7.46 4.00
CA ALA A 190 3.09 6.78 5.04
C ALA A 190 2.31 5.61 5.65
N MET B 2 -17.36 5.07 -11.99
CA MET B 2 -16.27 5.92 -11.52
C MET B 2 -16.69 6.89 -10.40
N ALA B 3 -15.79 7.11 -9.44
CA ALA B 3 -15.98 8.07 -8.34
C ALA B 3 -15.63 9.48 -8.81
N HIS B 4 -15.96 10.49 -8.00
CA HIS B 4 -15.78 11.90 -8.36
C HIS B 4 -14.50 12.43 -7.73
N SER B 5 -14.01 13.55 -8.24
CA SER B 5 -12.83 14.23 -7.70
C SER B 5 -13.20 14.87 -6.35
N PRO B 6 -12.22 15.00 -5.42
CA PRO B 6 -12.52 15.73 -4.16
C PRO B 6 -12.94 17.20 -4.43
N PRO B 7 -13.99 17.72 -3.74
CA PRO B 7 -14.57 19.02 -4.16
C PRO B 7 -13.53 20.16 -4.25
N GLY B 8 -13.61 20.98 -5.30
CA GLY B 8 -12.60 21.99 -5.60
C GLY B 8 -11.28 21.44 -6.18
N HIS B 9 -11.24 20.17 -6.59
CA HIS B 9 -10.01 19.54 -7.14
C HIS B 9 -10.28 18.81 -8.47
N HIS B 10 -9.25 18.72 -9.30
CA HIS B 10 -9.36 18.00 -10.58
C HIS B 10 -8.67 16.63 -10.67
N SER B 11 -7.92 16.28 -9.62
CA SER B 11 -7.07 15.10 -9.61
C SER B 11 -6.59 14.81 -8.17
N VAL B 12 -6.02 13.63 -7.93
CA VAL B 12 -5.40 13.31 -6.65
C VAL B 12 -3.97 12.96 -6.92
N THR B 13 -3.06 13.49 -6.10
CA THR B 13 -1.65 13.20 -6.17
C THR B 13 -1.33 12.30 -5.00
N GLY B 14 -0.94 11.07 -5.28
CA GLY B 14 -0.38 10.14 -4.27
C GLY B 14 1.08 10.42 -3.96
N ARG B 15 1.34 11.28 -2.96
CA ARG B 15 2.73 11.62 -2.59
CA ARG B 15 2.69 11.63 -2.58
C ARG B 15 3.33 10.45 -1.80
N PRO B 16 4.44 9.91 -2.30
CA PRO B 16 4.97 8.77 -1.58
C PRO B 16 5.65 9.18 -0.29
N SER B 17 5.23 8.56 0.80
CA SER B 17 5.96 8.59 2.05
C SER B 17 6.52 7.15 2.34
N VAL B 18 7.29 7.03 3.42
CA VAL B 18 8.09 5.80 3.74
CA VAL B 18 8.14 5.85 3.77
C VAL B 18 9.25 5.60 2.72
N ASN B 19 8.90 5.03 1.55
CA ASN B 19 9.86 4.72 0.47
C ASN B 19 10.33 6.08 -0.07
N GLY B 20 11.50 6.47 0.45
CA GLY B 20 12.17 7.67 0.04
C GLY B 20 12.52 7.79 -1.42
N LEU B 21 12.59 6.68 -2.16
CA LEU B 21 12.91 6.71 -3.60
C LEU B 21 11.73 6.72 -4.57
N ALA B 22 10.56 6.39 -4.10
CA ALA B 22 9.41 6.32 -4.99
C ALA B 22 9.03 7.68 -5.51
N LEU B 23 8.58 7.73 -6.75
CA LEU B 23 7.98 8.96 -7.32
C LEU B 23 6.47 8.89 -7.11
N ALA B 24 5.77 9.92 -7.52
CA ALA B 24 4.36 10.05 -7.26
C ALA B 24 3.53 9.27 -8.24
N GLU B 25 2.31 8.96 -7.80
CA GLU B 25 1.24 8.52 -8.65
C GLU B 25 0.14 9.59 -8.66
N TYR B 26 -0.73 9.52 -9.65
CA TYR B 26 -1.79 10.50 -9.83
C TYR B 26 -3.03 9.79 -10.30
N VAL B 27 -4.20 10.32 -9.90
CA VAL B 27 -5.47 9.76 -10.28
C VAL B 27 -6.38 10.87 -10.82
N ILE B 28 -7.01 10.61 -11.96
CA ILE B 28 -8.02 11.51 -12.50
C ILE B 28 -9.29 10.73 -12.54
N TYR B 29 -10.37 11.48 -12.61
CA TYR B 29 -11.72 10.94 -12.48
C TYR B 29 -12.57 11.22 -13.72
N ARG B 30 -11.95 11.71 -14.78
CA ARG B 30 -12.57 12.01 -16.06
C ARG B 30 -11.56 11.59 -17.11
N GLY B 31 -11.94 10.64 -17.96
CA GLY B 31 -11.04 10.17 -19.01
C GLY B 31 -10.56 11.18 -20.02
N GLU B 32 -11.31 12.27 -20.18
CA GLU B 32 -10.93 13.36 -21.07
C GLU B 32 -9.73 14.16 -20.57
N GLN B 33 -9.32 13.96 -19.31
CA GLN B 33 -8.11 14.60 -18.74
C GLN B 33 -6.79 13.89 -19.02
N ALA B 34 -6.81 12.87 -19.86
CA ALA B 34 -5.57 12.30 -20.36
C ALA B 34 -5.69 11.95 -21.84
N TYR B 35 -4.58 12.10 -22.53
CA TYR B 35 -4.43 11.71 -23.92
C TYR B 35 -3.21 10.76 -24.05
N PRO B 36 -3.39 9.57 -24.66
CA PRO B 36 -2.27 8.62 -24.85
C PRO B 36 -1.34 8.98 -26.00
N GLU B 37 -0.36 9.85 -25.75
CA GLU B 37 0.55 10.29 -26.79
C GLU B 37 1.44 9.20 -27.37
N TYR B 38 2.09 8.41 -26.52
CA TYR B 38 3.06 7.46 -27.03
C TYR B 38 2.74 6.04 -26.56
N LEU B 39 2.80 5.09 -27.50
CA LEU B 39 2.70 3.64 -27.22
C LEU B 39 4.10 3.14 -27.30
N ILE B 40 4.62 2.62 -26.21
CA ILE B 40 5.99 2.09 -26.12
C ILE B 40 5.88 0.56 -26.00
N THR B 41 6.52 -0.13 -26.93
CA THR B 41 6.58 -1.59 -26.91
C THR B 41 8.01 -1.95 -26.46
N TYR B 42 8.13 -2.85 -25.49
CA TYR B 42 9.42 -3.13 -24.83
C TYR B 42 9.46 -4.51 -24.17
N GLN B 43 10.65 -4.88 -23.71
CA GLN B 43 10.83 -6.01 -22.79
C GLN B 43 11.59 -5.54 -21.56
N ILE B 44 11.30 -6.17 -20.44
CA ILE B 44 12.18 -6.05 -19.29
C ILE B 44 13.45 -6.85 -19.56
N MET B 45 14.60 -6.37 -19.09
CA MET B 45 15.88 -7.12 -19.24
C MET B 45 16.29 -7.87 -17.96
N ARG B 46 16.74 -9.13 -18.10
CA ARG B 46 17.34 -9.87 -16.98
C ARG B 46 18.61 -9.16 -16.54
N PRO B 47 18.73 -8.85 -15.25
CA PRO B 47 20.01 -8.19 -14.84
C PRO B 47 21.25 -9.11 -15.08
N GLU B 48 22.36 -8.50 -15.47
CA GLU B 48 23.65 -9.19 -15.67
C GLU B 48 24.00 -9.99 -14.43
N GLY C 30 16.05 -7.91 3.79
CA GLY C 30 15.53 -8.82 2.72
C GLY C 30 14.05 -9.14 2.87
N THR C 31 13.23 -8.14 3.22
CA THR C 31 11.79 -8.31 3.33
C THR C 31 11.18 -7.93 2.02
N ILE C 32 10.28 -8.76 1.50
CA ILE C 32 9.39 -8.38 0.40
C ILE C 32 7.92 -8.36 0.86
N LEU C 33 7.13 -7.48 0.24
CA LEU C 33 5.72 -7.32 0.53
C LEU C 33 4.93 -7.70 -0.69
N ILE C 34 3.96 -8.59 -0.56
CA ILE C 34 3.17 -9.10 -1.68
C ILE C 34 1.75 -8.65 -1.44
N ASP C 35 1.11 -8.06 -2.44
CA ASP C 35 -0.28 -7.57 -2.30
C ASP C 35 -1.27 -8.70 -2.42
N LEU C 36 -2.21 -8.73 -1.50
CA LEU C 36 -3.30 -9.65 -1.61
C LEU C 36 -4.38 -8.95 -2.44
N SER C 37 -5.15 -9.75 -3.15
CA SER C 37 -6.23 -9.26 -3.96
C SER C 37 -7.45 -9.20 -3.04
N PRO C 38 -8.24 -8.13 -3.13
CA PRO C 38 -9.54 -8.11 -2.40
C PRO C 38 -10.48 -9.30 -2.65
N ASP C 39 -10.33 -9.94 -3.80
CA ASP C 39 -11.05 -11.16 -4.15
C ASP C 39 -10.46 -12.43 -3.55
N ASP C 40 -9.25 -12.37 -3.00
CA ASP C 40 -8.58 -13.46 -2.30
C ASP C 40 -9.30 -13.68 -0.96
N LYS C 41 -9.56 -14.92 -0.61
CA LYS C 41 -10.15 -15.24 0.67
C LYS C 41 -9.25 -14.87 1.88
N GLU C 42 -7.95 -14.91 1.68
CA GLU C 42 -7.04 -14.48 2.72
C GLU C 42 -7.28 -12.97 3.03
N PHE C 43 -7.38 -12.14 2.00
CA PHE C 43 -7.65 -10.72 2.17
C PHE C 43 -8.91 -10.56 2.98
N GLN C 44 -9.93 -11.29 2.59
CA GLN C 44 -11.24 -11.14 3.16
C GLN C 44 -11.20 -11.55 4.62
N SER C 45 -10.45 -12.60 4.92
CA SER C 45 -10.41 -13.08 6.27
C SER C 45 -9.76 -12.04 7.17
N VAL C 46 -8.69 -11.45 6.67
CA VAL C 46 -7.98 -10.45 7.45
C VAL C 46 -8.86 -9.21 7.59
N GLU C 47 -9.56 -8.80 6.54
CA GLU C 47 -10.43 -7.66 6.64
C GLU C 47 -11.52 -7.90 7.70
N GLU C 48 -12.18 -9.08 7.68
CA GLU C 48 -13.24 -9.35 8.67
C GLU C 48 -12.71 -9.35 10.12
N GLU C 49 -11.46 -9.75 10.30
CA GLU C 49 -10.85 -9.73 11.60
C GLU C 49 -10.65 -8.27 12.06
N MET C 50 -10.15 -7.41 11.16
CA MET C 50 -10.10 -5.97 11.41
C MET C 50 -11.46 -5.38 11.82
N GLN C 51 -12.45 -5.60 10.95
CA GLN C 51 -13.73 -4.91 11.04
C GLN C 51 -14.52 -5.39 12.25
N SER C 52 -14.54 -6.70 12.50
CA SER C 52 -15.39 -7.27 13.56
C SER C 52 -14.84 -7.10 14.95
N THR C 53 -13.61 -6.59 15.09
CA THR C 53 -12.99 -6.39 16.39
C THR C 53 -12.82 -4.92 16.71
N VAL C 54 -13.59 -4.08 16.04
CA VAL C 54 -13.70 -2.67 16.42
C VAL C 54 -14.65 -2.60 17.62
N ARG C 55 -14.29 -1.79 18.60
CA ARG C 55 -15.14 -1.52 19.74
C ARG C 55 -15.12 -0.03 20.09
N GLU C 56 -16.06 0.37 20.94
CA GLU C 56 -16.01 1.70 21.56
C GLU C 56 -14.91 1.76 22.60
N HIS C 57 -14.28 2.92 22.71
CA HIS C 57 -13.21 3.13 23.69
C HIS C 57 -13.68 4.16 24.69
N ARG C 58 -13.28 3.94 25.95
CA ARG C 58 -13.70 4.72 27.09
C ARG C 58 -13.12 6.14 27.06
N ASP C 59 -12.15 6.40 26.19
CA ASP C 59 -11.70 7.74 25.89
C ASP C 59 -12.52 8.56 24.91
N GLY C 60 -13.64 8.01 24.43
CA GLY C 60 -14.49 8.76 23.47
C GLY C 60 -13.85 9.05 22.10
N GLY C 61 -12.77 8.32 21.83
CA GLY C 61 -12.05 8.45 20.56
C GLY C 61 -10.86 9.35 20.61
N HIS C 62 -10.45 9.78 21.81
CA HIS C 62 -9.39 10.75 21.95
C HIS C 62 -8.11 10.23 21.30
N ALA C 63 -7.66 9.05 21.69
CA ALA C 63 -6.42 8.49 21.23
C ALA C 63 -6.43 8.02 19.75
N GLY C 64 -7.38 7.19 19.35
CA GLY C 64 -7.44 6.62 17.98
C GLY C 64 -8.48 7.15 16.98
N GLY C 65 -9.32 8.08 17.45
CA GLY C 65 -10.41 8.67 16.69
C GLY C 65 -11.77 8.03 16.90
N ILE C 66 -12.76 8.64 16.26
CA ILE C 66 -14.17 8.28 16.40
C ILE C 66 -14.57 7.57 15.14
N PHE C 67 -14.98 6.32 15.24
CA PHE C 67 -15.24 5.47 14.07
C PHE C 67 -15.85 4.12 14.47
N ASN C 68 -16.65 3.52 13.63
CA ASN C 68 -17.17 2.17 13.83
C ASN C 68 -16.57 1.13 12.92
N ARG C 69 -15.84 1.57 11.90
CA ARG C 69 -15.27 0.67 10.89
C ARG C 69 -14.16 1.36 10.12
N TYR C 70 -13.44 0.56 9.34
CA TYR C 70 -12.32 1.04 8.56
C TYR C 70 -12.66 0.99 7.06
N ASN C 71 -11.94 1.80 6.31
CA ASN C 71 -11.76 1.58 4.85
C ASN C 71 -10.38 0.93 4.66
N ILE C 72 -10.37 -0.37 4.30
CA ILE C 72 -9.12 -1.11 4.06
C ILE C 72 -8.66 -0.74 2.65
N LEU C 73 -7.49 -0.10 2.58
CA LEU C 73 -6.92 0.34 1.32
C LEU C 73 -6.05 -0.75 0.71
N LYS C 74 -5.34 -1.50 1.57
CA LYS C 74 -4.43 -2.52 1.10
C LYS C 74 -3.99 -3.49 2.21
N ILE C 75 -3.75 -4.75 1.84
CA ILE C 75 -3.25 -5.77 2.78
C ILE C 75 -2.16 -6.54 2.04
N GLN C 76 -0.97 -6.53 2.59
CA GLN C 76 0.21 -7.17 2.07
C GLN C 76 0.74 -8.27 3.01
N LYS C 77 1.22 -9.38 2.42
CA LYS C 77 1.95 -10.44 3.13
C LYS C 77 3.37 -10.00 3.34
N VAL C 78 3.86 -10.08 4.56
CA VAL C 78 5.26 -9.74 4.83
C VAL C 78 6.08 -11.05 4.75
N CYS C 79 7.02 -11.12 3.81
CA CYS C 79 7.86 -12.32 3.58
C CYS C 79 9.33 -11.95 3.90
N ASN C 80 9.91 -12.61 4.89
CA ASN C 80 11.32 -12.48 5.21
C ASN C 80 11.83 -13.79 5.80
N LYS C 81 12.58 -14.55 5.00
CA LYS C 81 13.15 -15.86 5.37
C LYS C 81 13.83 -15.87 6.76
N LYS C 82 14.77 -14.96 6.96
CA LYS C 82 15.56 -14.85 8.18
C LYS C 82 14.66 -14.62 9.35
N LEU C 83 13.83 -13.58 9.27
CA LEU C 83 12.89 -13.26 10.36
C LEU C 83 11.96 -14.41 10.61
N TRP C 84 11.51 -15.10 9.56
CA TRP C 84 10.67 -16.28 9.72
C TRP C 84 11.34 -17.43 10.51
N GLU C 85 12.59 -17.74 10.19
CA GLU C 85 13.35 -18.78 10.85
C GLU C 85 13.70 -18.36 12.27
N ARG C 86 13.96 -17.08 12.48
CA ARG C 86 14.21 -16.55 13.82
C ARG C 86 12.91 -16.74 14.67
N TYR C 87 11.74 -16.58 14.04
CA TYR C 87 10.47 -16.77 14.72
C TYR C 87 10.21 -18.25 15.05
N THR C 88 10.39 -19.13 14.07
CA THR C 88 10.07 -20.56 14.29
C THR C 88 11.00 -21.28 15.21
N HIS C 89 12.23 -20.81 15.31
CA HIS C 89 13.22 -21.39 16.20
C HIS C 89 12.83 -21.02 17.62
N ARG C 90 12.47 -19.76 17.85
CA ARG C 90 12.02 -19.37 19.17
C ARG C 90 10.72 -20.06 19.52
N ARG C 91 9.84 -20.26 18.55
CA ARG C 91 8.57 -20.95 18.81
C ARG C 91 8.79 -22.40 19.28
N LYS C 92 9.80 -23.05 18.72
CA LYS C 92 10.22 -24.41 19.07
C LYS C 92 10.65 -24.45 20.53
N GLU C 93 11.49 -23.51 20.94
CA GLU C 93 11.97 -23.42 22.33
C GLU C 93 10.80 -23.28 23.29
N VAL C 94 9.89 -22.36 22.95
CA VAL C 94 8.77 -22.05 23.81
C VAL C 94 7.85 -23.25 23.89
N SER C 95 7.61 -23.84 22.74
CA SER C 95 6.75 -24.99 22.66
C SER C 95 7.30 -26.11 23.54
N GLU C 96 8.62 -26.33 23.51
CA GLU C 96 9.21 -27.45 24.30
C GLU C 96 9.12 -27.16 25.79
N GLU C 97 9.33 -25.91 26.20
CA GLU C 97 9.18 -25.49 27.61
C GLU C 97 7.75 -25.51 28.11
N ASN C 98 6.76 -25.31 27.24
CA ASN C 98 5.35 -25.39 27.62
C ASN C 98 4.74 -26.71 27.18
N HIS C 99 5.49 -27.82 27.34
CA HIS C 99 4.98 -29.20 27.15
C HIS C 99 4.25 -29.38 25.83
N ASN C 100 4.94 -28.96 24.75
CA ASN C 100 4.55 -29.09 23.35
C ASN C 100 3.36 -28.18 22.94
N HIS C 101 3.38 -26.93 23.41
CA HIS C 101 2.30 -25.98 23.14
C HIS C 101 2.85 -24.57 22.97
N ALA C 102 2.98 -24.16 21.71
CA ALA C 102 3.29 -22.76 21.34
C ALA C 102 2.31 -21.75 21.90
N ASN C 103 1.02 -22.11 21.91
CA ASN C 103 -0.07 -21.16 22.30
C ASN C 103 0.07 -19.92 21.39
N GLU C 104 0.02 -20.21 20.07
CA GLU C 104 0.19 -19.25 18.99
C GLU C 104 -1.15 -18.60 18.50
N ARG C 105 -1.12 -17.26 18.41
CA ARG C 105 -2.29 -16.47 18.08
C ARG C 105 -2.03 -15.58 16.88
N MET C 106 -3.11 -15.06 16.30
CA MET C 106 -3.04 -13.90 15.39
C MET C 106 -3.58 -12.69 16.15
N LEU C 107 -2.74 -11.71 16.37
CA LEU C 107 -3.04 -10.53 17.09
C LEU C 107 -2.59 -9.29 16.32
N PHE C 108 -3.27 -8.18 16.56
CA PHE C 108 -2.87 -6.87 15.99
C PHE C 108 -1.75 -6.16 16.75
N HIS C 109 -0.99 -5.36 16.02
CA HIS C 109 0.00 -4.51 16.64
C HIS C 109 -0.04 -3.15 15.94
N GLY C 110 -0.21 -2.08 16.72
CA GLY C 110 -0.08 -0.73 16.22
C GLY C 110 1.10 0.02 16.84
N SER C 111 1.88 0.68 16.01
CA SER C 111 2.91 1.58 16.56
C SER C 111 3.41 2.47 15.47
N PRO C 112 4.11 3.54 15.83
CA PRO C 112 4.73 4.32 14.76
C PRO C 112 5.93 3.62 14.08
N PHE C 113 6.30 2.40 14.48
CA PHE C 113 7.57 1.81 14.05
C PHE C 113 7.39 0.63 13.06
N VAL C 114 6.20 0.59 12.47
CA VAL C 114 5.82 -0.41 11.48
C VAL C 114 6.92 -0.64 10.41
N ASN C 115 7.56 0.44 9.99
CA ASN C 115 8.62 0.32 9.00
C ASN C 115 9.84 -0.46 9.47
N ALA C 116 10.33 -0.13 10.65
CA ALA C 116 11.40 -0.88 11.24
C ALA C 116 11.00 -2.31 11.53
N ILE C 117 9.76 -2.54 11.95
CA ILE C 117 9.40 -3.86 12.39
C ILE C 117 9.41 -4.86 11.24
N ILE C 118 8.85 -4.45 10.10
CA ILE C 118 8.80 -5.38 8.96
C ILE C 118 10.21 -5.67 8.33
N HIS C 119 11.15 -4.74 8.47
CA HIS C 119 12.49 -4.96 7.87
C HIS C 119 13.45 -5.66 8.82
N LYS C 120 13.44 -5.25 10.11
CA LYS C 120 14.43 -5.69 11.11
C LYS C 120 13.87 -6.58 12.21
N GLY C 121 12.55 -6.76 12.27
CA GLY C 121 11.93 -7.68 13.23
C GLY C 121 11.46 -6.93 14.46
N PHE C 122 10.67 -7.59 15.30
CA PHE C 122 10.31 -6.96 16.58
C PHE C 122 11.55 -7.06 17.42
N ASP C 123 11.79 -6.00 18.18
CA ASP C 123 13.05 -5.84 18.92
C ASP C 123 12.75 -5.33 20.34
N GLU C 124 12.84 -6.24 21.31
CA GLU C 124 12.56 -5.94 22.74
C GLU C 124 13.37 -4.77 23.31
N ARG C 125 14.54 -4.50 22.74
CA ARG C 125 15.40 -3.36 23.13
C ARG C 125 14.70 -2.00 22.99
N HIS C 126 13.79 -1.88 22.02
CA HIS C 126 13.02 -0.65 21.81
C HIS C 126 11.66 -0.64 22.50
N ALA C 127 11.36 -1.66 23.31
CA ALA C 127 10.04 -1.81 23.96
C ALA C 127 10.12 -1.48 25.45
N TYR C 128 10.63 -0.28 25.75
CA TYR C 128 11.05 0.09 27.12
C TYR C 128 10.09 1.04 27.81
N ILE C 129 9.16 1.60 27.04
CA ILE C 129 8.11 2.41 27.60
C ILE C 129 7.19 1.41 28.34
N GLY C 130 7.05 1.66 29.65
CA GLY C 130 6.25 0.85 30.55
C GLY C 130 4.75 1.10 30.44
N GLY C 131 4.03 0.20 29.77
CA GLY C 131 2.57 0.18 29.82
C GLY C 131 2.00 -0.46 31.10
N MET C 132 0.72 -0.75 31.02
CA MET C 132 -0.11 -1.34 32.07
C MET C 132 0.31 -2.72 32.58
N PHE C 133 1.02 -3.49 31.75
CA PHE C 133 1.51 -4.81 32.17
C PHE C 133 3.00 -4.81 32.03
N GLY C 134 3.59 -3.66 32.36
CA GLY C 134 5.01 -3.48 32.26
C GLY C 134 5.48 -3.16 30.85
N ALA C 135 6.76 -3.46 30.64
CA ALA C 135 7.47 -3.07 29.45
C ALA C 135 7.65 -4.33 28.61
N GLY C 136 7.40 -4.20 27.31
CA GLY C 136 7.58 -5.31 26.40
C GLY C 136 6.81 -4.91 25.19
N ILE C 137 6.53 -5.87 24.35
CA ILE C 137 5.89 -5.59 23.09
C ILE C 137 4.44 -6.00 23.27
N TYR C 138 3.55 -5.04 23.04
CA TYR C 138 2.13 -5.23 23.22
C TYR C 138 1.44 -5.61 21.93
N PHE C 139 0.39 -6.42 22.09
CA PHE C 139 -0.49 -6.87 21.02
C PHE C 139 -1.94 -6.82 21.53
N ALA C 140 -2.90 -6.73 20.62
CA ALA C 140 -4.34 -6.62 20.97
C ALA C 140 -5.22 -7.49 20.09
N GLU C 141 -6.22 -8.10 20.71
CA GLU C 141 -7.34 -8.67 20.00
C GLU C 141 -8.28 -7.63 19.33
N ASN C 142 -8.47 -6.46 19.96
CA ASN C 142 -9.27 -5.42 19.32
C ASN C 142 -8.32 -4.65 18.44
N SER C 143 -8.62 -4.64 17.14
CA SER C 143 -7.90 -3.80 16.20
C SER C 143 -7.96 -2.33 16.55
N SER C 144 -9.10 -1.90 17.10
CA SER C 144 -9.28 -0.51 17.50
C SER C 144 -8.39 -0.18 18.68
N LYS C 145 -7.99 -1.15 19.48
CA LYS C 145 -7.03 -0.85 20.54
C LYS C 145 -5.67 -0.58 19.91
N SER C 146 -5.28 -1.44 18.94
CA SER C 146 -4.02 -1.24 18.21
C SER C 146 -3.99 0.11 17.45
N ASN C 147 -5.11 0.50 16.86
CA ASN C 147 -5.24 1.83 16.21
C ASN C 147 -4.99 2.99 17.15
N GLN C 148 -5.28 2.83 18.44
CA GLN C 148 -4.93 3.89 19.44
C GLN C 148 -3.43 4.25 19.50
N TYR C 149 -2.54 3.34 19.07
CA TYR C 149 -1.08 3.50 19.18
C TYR C 149 -0.35 3.78 17.84
N VAL C 150 -1.05 3.64 16.75
CA VAL C 150 -0.50 3.85 15.41
C VAL C 150 0.31 5.15 15.30
N TYR C 151 -0.27 6.24 15.84
CA TYR C 151 0.42 7.53 15.89
C TYR C 151 1.13 7.80 17.19
N GLY C 152 1.53 6.78 17.95
CA GLY C 152 2.18 6.97 19.26
C GLY C 152 1.36 6.55 20.47
N ILE C 153 1.97 6.62 21.64
CA ILE C 153 1.29 6.37 22.90
C ILE C 153 0.24 7.45 23.07
N GLY C 154 -0.99 7.05 23.40
CA GLY C 154 -2.13 7.99 23.56
C GLY C 154 -2.57 8.65 22.25
N GLY C 155 -2.19 8.03 21.13
CA GLY C 155 -2.32 8.64 19.81
C GLY C 155 -1.35 9.76 19.46
N GLY C 156 -0.37 10.08 20.34
CA GLY C 156 0.63 11.14 20.09
C GLY C 156 -0.11 12.43 19.83
N THR C 157 0.30 13.15 18.80
CA THR C 157 -0.37 14.35 18.30
C THR C 157 -1.20 14.10 17.05
N GLY C 158 -1.53 12.82 16.77
CA GLY C 158 -2.30 12.45 15.59
C GLY C 158 -1.50 12.35 14.29
N CYS C 159 -2.19 12.41 13.15
CA CYS C 159 -1.52 12.35 11.85
C CYS C 159 -0.47 13.49 11.71
N PRO C 160 0.65 13.25 10.99
CA PRO C 160 1.67 14.29 10.71
C PRO C 160 1.13 15.53 9.95
N VAL C 161 0.30 15.25 8.96
CA VAL C 161 -0.23 16.28 8.06
C VAL C 161 -1.19 17.23 8.77
N HIS C 162 -2.14 16.72 9.56
CA HIS C 162 -3.19 17.56 10.15
C HIS C 162 -3.16 17.70 11.69
N LYS C 163 -2.30 16.96 12.37
CA LYS C 163 -2.30 16.91 13.84
C LYS C 163 -3.70 16.58 14.39
N ASP C 164 -4.22 15.50 13.84
CA ASP C 164 -5.55 15.04 14.13
C ASP C 164 -5.52 13.53 14.44
N ARG C 165 -5.67 13.19 15.72
CA ARG C 165 -5.84 11.83 16.13
C ARG C 165 -7.09 11.18 15.54
N SER C 166 -8.09 11.98 15.13
CA SER C 166 -9.25 11.40 14.42
C SER C 166 -9.27 11.62 12.88
N CYS C 167 -8.10 11.79 12.26
CA CYS C 167 -8.04 12.14 10.83
C CYS C 167 -8.64 11.01 10.01
N TYR C 168 -9.61 11.38 9.14
CA TYR C 168 -10.32 10.48 8.19
C TYR C 168 -9.71 10.46 6.77
N ILE C 169 -8.59 11.14 6.58
CA ILE C 169 -7.98 11.34 5.31
C ILE C 169 -6.67 10.55 5.23
N CYS C 170 -5.83 10.70 6.22
CA CYS C 170 -4.51 10.12 6.14
C CYS C 170 -4.55 8.61 6.31
N HIS C 171 -3.56 7.97 5.73
CA HIS C 171 -3.45 6.54 5.66
C HIS C 171 -2.76 6.05 6.91
N ARG C 172 -3.37 5.09 7.58
CA ARG C 172 -2.75 4.45 8.73
C ARG C 172 -2.27 3.07 8.37
N GLN C 173 -1.34 2.55 9.15
CA GLN C 173 -0.93 1.15 9.01
C GLN C 173 -0.91 0.37 10.34
N LEU C 174 -1.37 -0.88 10.34
CA LEU C 174 -1.33 -1.79 11.48
C LEU C 174 -0.68 -3.05 10.96
N LEU C 175 -0.10 -3.80 11.88
CA LEU C 175 0.32 -5.13 11.62
C LEU C 175 -0.69 -6.11 12.23
N PHE C 176 -0.89 -7.22 11.54
CA PHE C 176 -1.61 -8.37 12.07
C PHE C 176 -0.57 -9.50 12.12
N CYS C 177 -0.29 -10.01 13.32
CA CYS C 177 0.92 -10.76 13.57
C CYS C 177 0.69 -12.13 14.20
N ARG C 178 1.69 -12.98 13.99
CA ARG C 178 1.72 -14.29 14.55
C ARG C 178 2.48 -14.15 15.85
N VAL C 179 1.85 -14.54 16.97
CA VAL C 179 2.45 -14.34 18.27
C VAL C 179 2.44 -15.66 19.05
N THR C 180 3.61 -16.06 19.53
CA THR C 180 3.80 -17.20 20.40
C THR C 180 3.67 -16.76 21.85
N LEU C 181 2.61 -17.19 22.52
CA LEU C 181 2.40 -16.80 23.92
C LEU C 181 2.99 -17.76 24.95
N GLY C 182 3.12 -19.02 24.58
CA GLY C 182 3.57 -20.01 25.54
C GLY C 182 2.70 -20.01 26.78
N LYS C 183 3.32 -20.23 27.93
CA LYS C 183 2.64 -20.22 29.20
C LYS C 183 2.46 -18.76 29.47
N SER C 184 1.22 -18.30 29.39
CA SER C 184 0.91 -16.86 29.55
C SER C 184 0.35 -16.61 30.91
N PHE C 185 0.81 -15.53 31.54
CA PHE C 185 0.44 -15.20 32.91
C PHE C 185 -0.83 -14.40 32.83
N LEU C 186 -1.88 -14.88 33.48
CA LEU C 186 -3.16 -14.18 33.44
C LEU C 186 -3.23 -13.00 34.46
N GLN C 187 -3.23 -11.79 33.94
CA GLN C 187 -3.37 -10.55 34.69
C GLN C 187 -4.73 -9.90 34.36
N PHE C 188 -5.63 -9.81 35.32
CA PHE C 188 -6.87 -9.11 35.07
C PHE C 188 -6.59 -7.64 35.32
N SER C 189 -7.14 -6.79 34.45
CA SER C 189 -7.01 -5.34 34.55
C SER C 189 -8.35 -4.72 34.90
N ALA C 190 -8.28 -3.57 35.55
CA ALA C 190 -9.46 -2.83 35.98
C ALA C 190 -10.06 -1.95 34.85
N MET C 191 -9.48 -2.00 33.66
CA MET C 191 -10.07 -1.38 32.46
C MET C 191 -11.37 -2.11 32.02
N MET D 2 13.27 -3.47 28.41
CA MET D 2 13.97 -4.77 28.68
C MET D 2 13.45 -5.51 29.95
N ALA D 3 12.18 -5.29 30.32
CA ALA D 3 11.58 -5.96 31.51
C ALA D 3 11.45 -7.46 31.28
N HIS D 4 11.51 -8.22 32.36
CA HIS D 4 11.57 -9.68 32.25
C HIS D 4 10.16 -10.30 32.22
N SER D 5 10.13 -11.55 31.77
CA SER D 5 8.91 -12.37 31.77
C SER D 5 8.64 -12.80 33.23
N PRO D 6 7.37 -13.08 33.60
CA PRO D 6 7.14 -13.69 34.94
C PRO D 6 7.76 -15.12 35.05
N PRO D 7 8.32 -15.53 36.23
CA PRO D 7 9.06 -16.82 36.27
C PRO D 7 8.29 -18.03 35.68
N GLY D 8 8.94 -18.72 34.73
CA GLY D 8 8.31 -19.79 33.96
C GLY D 8 7.03 -19.37 33.26
N HIS D 9 6.94 -18.08 32.89
CA HIS D 9 5.94 -17.60 31.93
C HIS D 9 6.66 -17.02 30.73
N HIS D 10 6.01 -17.08 29.56
CA HIS D 10 6.57 -16.56 28.30
C HIS D 10 5.90 -15.29 27.81
N SER D 11 4.78 -14.93 28.40
CA SER D 11 4.03 -13.72 28.04
C SER D 11 3.05 -13.38 29.15
N VAL D 12 2.35 -12.25 28.99
CA VAL D 12 1.33 -11.80 29.95
C VAL D 12 0.10 -11.57 29.16
N THR D 13 -1.02 -12.01 29.68
CA THR D 13 -2.34 -11.79 29.12
C THR D 13 -3.01 -10.80 30.03
N GLY D 14 -3.36 -9.62 29.48
CA GLY D 14 -4.02 -8.54 30.22
C GLY D 14 -5.49 -8.53 29.83
N ARG D 15 -6.33 -9.17 30.64
CA ARG D 15 -7.75 -9.36 30.36
C ARG D 15 -8.57 -8.25 31.07
N PRO D 16 -9.37 -7.46 30.34
CA PRO D 16 -10.25 -6.50 31.05
C PRO D 16 -11.31 -7.18 31.92
N SER D 17 -11.51 -6.65 33.12
CA SER D 17 -12.46 -7.16 34.06
C SER D 17 -13.68 -6.27 34.18
N VAL D 18 -13.66 -5.00 33.75
CA VAL D 18 -14.86 -4.12 33.90
C VAL D 18 -15.71 -3.95 32.61
N ASN D 19 -15.07 -3.54 31.55
CA ASN D 19 -15.69 -3.50 30.20
C ASN D 19 -15.71 -4.90 29.57
N GLY D 20 -16.85 -5.57 29.64
CA GLY D 20 -16.97 -6.94 29.16
C GLY D 20 -17.01 -7.09 27.63
N LEU D 21 -17.07 -5.95 26.92
CA LEU D 21 -16.89 -5.94 25.45
C LEU D 21 -15.46 -5.72 24.98
N ALA D 22 -14.56 -5.43 25.92
CA ALA D 22 -13.14 -5.26 25.63
C ALA D 22 -12.40 -6.59 25.62
N LEU D 23 -11.72 -6.86 24.51
CA LEU D 23 -10.91 -8.04 24.38
C LEU D 23 -9.53 -7.87 25.00
N ALA D 24 -8.76 -8.96 25.07
CA ALA D 24 -7.44 -8.93 25.74
C ALA D 24 -6.35 -8.17 24.98
N GLU D 25 -5.38 -7.67 25.77
CA GLU D 25 -4.06 -7.27 25.31
C GLU D 25 -3.08 -8.34 25.73
N TYR D 26 -1.97 -8.47 24.99
CA TYR D 26 -0.92 -9.43 25.26
C TYR D 26 0.42 -8.77 25.17
N VAL D 27 1.38 -9.32 25.92
CA VAL D 27 2.70 -8.73 26.04
C VAL D 27 3.76 -9.79 25.90
N ILE D 28 4.74 -9.52 25.05
CA ILE D 28 5.91 -10.40 25.00
C ILE D 28 7.15 -9.65 25.36
N TYR D 29 8.21 -10.39 25.72
CA TYR D 29 9.46 -9.83 26.21
C TYR D 29 10.66 -10.17 25.27
N ARG D 30 10.36 -10.90 24.19
CA ARG D 30 11.35 -11.35 23.23
C ARG D 30 10.78 -11.06 21.85
N GLY D 31 11.45 -10.23 21.06
CA GLY D 31 10.97 -9.90 19.73
C GLY D 31 10.81 -11.08 18.78
N GLU D 32 11.53 -12.16 19.06
CA GLU D 32 11.50 -13.38 18.26
C GLU D 32 10.21 -14.21 18.47
N GLN D 33 9.41 -13.90 19.52
CA GLN D 33 8.09 -14.52 19.71
C GLN D 33 6.98 -13.90 18.87
N ALA D 34 7.26 -12.92 18.02
CA ALA D 34 6.25 -12.43 17.08
C ALA D 34 6.80 -12.33 15.65
N TYR D 35 5.94 -12.63 14.68
CA TYR D 35 6.27 -12.40 13.28
C TYR D 35 5.17 -11.59 12.62
N PRO D 36 5.54 -10.44 12.03
CA PRO D 36 4.53 -9.56 11.50
C PRO D 36 4.11 -9.98 10.13
N GLU D 37 3.06 -10.75 10.05
CA GLU D 37 2.70 -11.47 8.85
C GLU D 37 1.96 -10.64 7.78
N TYR D 38 1.14 -9.69 8.22
CA TYR D 38 0.36 -8.89 7.31
C TYR D 38 0.53 -7.44 7.63
N LEU D 39 0.59 -6.60 6.61
CA LEU D 39 0.65 -5.15 6.82
C LEU D 39 -0.63 -4.53 6.24
N ILE D 40 -1.38 -3.85 7.08
CA ILE D 40 -2.71 -3.42 6.69
C ILE D 40 -2.69 -1.90 6.62
N THR D 41 -3.09 -1.39 5.46
CA THR D 41 -3.13 0.04 5.20
C THR D 41 -4.58 0.49 5.13
N TYR D 42 -4.94 1.51 5.90
CA TYR D 42 -6.36 1.82 6.08
C TYR D 42 -6.60 3.28 6.50
N GLN D 43 -7.84 3.70 6.39
CA GLN D 43 -8.36 4.91 6.98
C GLN D 43 -9.44 4.54 8.00
N ILE D 44 -9.55 5.29 9.07
CA ILE D 44 -10.79 5.20 9.87
C ILE D 44 -11.89 5.96 9.10
N MET D 45 -13.15 5.56 9.30
CA MET D 45 -14.26 6.17 8.55
C MET D 45 -15.15 6.93 9.47
N ARG D 46 -15.49 8.14 9.05
CA ARG D 46 -16.46 8.94 9.79
C ARG D 46 -17.80 8.25 9.84
N PRO D 47 -18.40 8.13 11.05
CA PRO D 47 -19.78 7.63 11.09
C PRO D 47 -20.78 8.59 10.39
N GLU D 48 -21.73 8.01 9.68
CA GLU D 48 -22.78 8.75 8.99
C GLU D 48 -23.79 9.17 10.05
ZN ZN E . 6.10 -14.70 -21.74
S SO4 F . 6.03 -0.53 -4.40
O1 SO4 F . 5.16 -0.18 -3.32
O2 SO4 F . 6.01 -2.02 -4.63
O3 SO4 F . 5.47 -0.12 -5.67
O4 SO4 F . 7.41 -0.06 -4.18
C BCT G . -0.51 2.79 -13.72
O1 BCT G . -1.68 2.56 -14.03
O2 BCT G . 0.38 2.84 -14.57
O3 BCT G . -0.16 2.99 -12.49
S SO4 H . 21.83 -4.75 -15.72
O1 SO4 H . 20.58 -4.97 -16.52
O2 SO4 H . 22.04 -5.73 -14.61
O3 SO4 H . 21.76 -3.37 -15.17
O4 SO4 H . 22.95 -4.90 -16.66
C1 GOL I . 9.26 9.71 1.97
O1 GOL I . 9.07 9.15 0.66
C2 GOL I . 10.71 10.07 2.30
O2 GOL I . 11.28 9.12 3.25
C3 GOL I . 10.80 11.55 2.74
O3 GOL I . 10.40 11.83 4.10
ZN ZN J . -4.46 13.70 8.48
S SO4 K . -10.16 1.83 26.47
O1 SO4 K . -11.63 1.64 26.36
O2 SO4 K . -9.47 0.84 25.66
O3 SO4 K . -9.85 3.16 25.88
O4 SO4 K . -9.56 1.63 27.79
S SO4 L . -21.03 4.05 10.28
O1 SO4 L . -21.96 4.91 9.50
O2 SO4 L . -21.34 2.60 10.16
O3 SO4 L . -21.20 4.44 11.68
O4 SO4 L . -19.64 4.28 9.80
C4 97E M . 3.50 -0.15 24.04
C5 97E M . 2.09 -0.22 24.18
C6 97E M . 1.44 0.42 25.28
N1 97E M . 2.16 1.11 26.29
N3 97E M . 4.20 0.48 25.05
OBA 97E M . 9.95 -3.79 17.42
CAZ 97E M . 10.37 -2.64 17.34
NBB 97E M . 11.41 -2.32 16.60
CBC 97E M . 11.61 -1.04 16.76
CBH 97E M . 12.54 -0.22 16.22
CBG 97E M . 12.53 1.13 16.58
CBI 97E M . 13.44 2.00 16.07
NBJ 97E M . 14.14 2.70 15.68
CBF 97E M . 11.57 1.62 17.47
CBE 97E M . 10.64 0.71 17.98
CBD 97E M . 10.66 -0.59 17.62
NAY 97E M . 9.88 -1.61 17.98
CAV 97E M . 8.84 -1.55 18.83
CAW 97E M . 7.58 -1.25 18.33
CAX 97E M . 6.45 -1.18 19.17
CAU 97E M . 8.99 -1.76 20.18
CAT 97E M . 7.87 -1.67 21.02
CAS 97E M . 6.59 -1.38 20.54
CAI 97E M . 5.59 -1.34 21.48
NAJ 97E M . 4.90 -2.41 21.86
NAK 97E M . 4.12 -2.09 22.72
CAL 97E M . 4.21 -0.78 23.02
C2 97E M . 3.55 1.14 26.15
NAH 97E M . 5.20 -0.29 22.24
CAC 97E M . 5.61 1.00 22.18
CAB 97E M . 4.83 1.89 21.39
CLA 97E M . 3.37 1.34 20.54
CAG 97E M . 5.20 3.24 21.29
CAF 97E M . 6.33 3.70 21.93
CAE 97E M . 7.10 2.83 22.72
CAD 97E M . 6.74 1.47 22.84
C BCT N . -0.68 -2.27 20.50
O1 BCT N . -1.08 -2.83 19.47
O2 BCT N . -1.44 -2.30 21.50
O3 BCT N . 0.55 -1.66 20.52
#